data_3PHP
#
_entry.id   3PHP
#
_cell.length_a   1.000
_cell.length_b   1.000
_cell.length_c   1.000
_cell.angle_alpha   90.00
_cell.angle_beta   90.00
_cell.angle_gamma   90.00
#
_symmetry.space_group_name_H-M   'P 1'
#
_entity_poly.entity_id   1
_entity_poly.type   'polyribonucleotide'
_entity_poly.pdbx_seq_one_letter_code
;GGUUCCGAGGGUCAUCGGAACCA
;
_entity_poly.pdbx_strand_id   A
#